data_8EWL
#
_entry.id   8EWL
#
_cell.length_a   77.079
_cell.length_b   100.819
_cell.length_c   129.099
_cell.angle_alpha   90.00
_cell.angle_beta   90.00
_cell.angle_gamma   90.00
#
_symmetry.space_group_name_H-M   'I 2 2 2'
#
loop_
_entity.id
_entity.type
_entity.pdbx_description
1 polymer 'Cytochrome P450 3A4'
2 non-polymer 'PROTOPORPHYRIN IX CONTAINING FE'
3 non-polymer "{N-[([2,2'-bipyridin]-5-yl-kappa~2~N~1~,N~1'~)methyl]-3-(pyridin-4-yl)propanamide}bis[2-(quinolin-2-yl-kappaN)phenyl-kappaC~1~]iridium(1+)"
4 water water
#
_entity_poly.entity_id   1
_entity_poly.type   'polypeptide(L)'
_entity_poly.pdbx_seq_one_letter_code
;MAYLYGTHSHGLFKKLGIPGPTPLPFLGNILSYHKGFCMFDMECHKKYGKVWGFYDGQQPVLAITDPDMIKTVLVKECYS
VFTNRRPFGPVGFMKSAISIAEDEEWKRLRSLLSPTFTSGKLKEMVPIIAQYGDVLVRNLRREAETGKPVTLKDVFGAYS
MDVITSTSFGVNIDSLNNPQDPFVENTKKLLRFDFLDPFFLSITVFPFLIPILEVLNICVFPREVTNFLRKSVKRMKESR
LEDTQKHRVDFLQLMIDSQNSKETESHKALSDLELVAQSIIFIFAGYETTSSVLSFIMYELATHPDVQQKLQEEIDAVLP
NKAPPTYDTVLQMEYLDMVVNETLRLFPIAMRLERVCKKDVEINGMFIPKGVVVMIPSYALHRDPKYWTEPEKFLPERFS
KKNKDNIDPYIYTPFGSGPRNCIGMRFALMNMKLALIRVLQNFSFKPCKETQIPLKLSLGGLLQPEKPVVLKVESRDGTV
SGAHHHH
;
_entity_poly.pdbx_strand_id   A
#
loop_
_chem_comp.id
_chem_comp.type
_chem_comp.name
_chem_comp.formula
HEM non-polymer 'PROTOPORPHYRIN IX CONTAINING FE' 'C34 H32 Fe N4 O4'
X1C non-polymer {N-[([2,2'-bipyridin]-5-yl-kappa~2~N~1~,N~1'~)methyl]-3-(pyridin-4-yl)propanamide}bis[2-(quinolin-2-yl-kappaN)phenyl-kappaC~1~]iridium(1+) 'C49 H38 Ir N6 O 1'
#
# COMPACT_ATOMS: atom_id res chain seq x y z
N THR A 7 -33.40 2.68 1.65
CA THR A 7 -33.25 3.65 0.56
C THR A 7 -33.52 5.11 0.97
N HIS A 8 -32.91 5.57 2.08
CA HIS A 8 -33.22 6.92 2.57
C HIS A 8 -32.45 8.00 1.82
N SER A 9 -31.24 7.70 1.37
CA SER A 9 -30.37 8.65 0.69
C SER A 9 -30.08 8.24 -0.74
N HIS A 10 -30.73 7.20 -1.24
CA HIS A 10 -30.46 6.75 -2.60
C HIS A 10 -30.95 7.71 -3.65
N GLY A 11 -31.51 8.86 -3.26
CA GLY A 11 -31.90 9.88 -4.19
C GLY A 11 -30.96 11.08 -4.25
N LEU A 12 -29.76 10.97 -3.63
CA LEU A 12 -28.86 12.13 -3.56
C LEU A 12 -28.23 12.44 -4.92
N PHE A 13 -27.73 11.43 -5.61
CA PHE A 13 -27.04 11.75 -6.85
C PHE A 13 -28.03 12.14 -7.96
N LYS A 14 -29.29 11.68 -7.89
CA LYS A 14 -30.28 12.13 -8.87
C LYS A 14 -30.66 13.59 -8.63
N LYS A 15 -30.92 13.96 -7.37
CA LYS A 15 -31.28 15.35 -7.09
C LYS A 15 -30.12 16.31 -7.30
N LEU A 16 -28.88 15.83 -7.35
CA LEU A 16 -27.71 16.61 -7.71
C LEU A 16 -27.38 16.55 -9.19
N GLY A 17 -28.10 15.75 -9.97
CA GLY A 17 -27.78 15.61 -11.39
C GLY A 17 -26.53 14.81 -11.70
N ILE A 18 -26.01 14.06 -10.73
CA ILE A 18 -24.78 13.27 -10.91
C ILE A 18 -25.17 11.88 -11.40
N PRO A 19 -24.61 11.39 -12.51
CA PRO A 19 -24.95 10.06 -13.00
C PRO A 19 -24.32 9.01 -12.10
N GLY A 20 -24.91 7.82 -12.12
CA GLY A 20 -24.36 6.66 -11.45
C GLY A 20 -25.16 5.40 -11.67
N PRO A 21 -24.64 4.24 -11.23
CA PRO A 21 -25.43 3.01 -11.25
C PRO A 21 -26.62 3.07 -10.29
N THR A 22 -27.76 2.59 -10.76
CA THR A 22 -28.97 2.63 -9.92
C THR A 22 -28.78 1.69 -8.74
N PRO A 23 -29.00 2.16 -7.51
CA PRO A 23 -28.78 1.30 -6.32
C PRO A 23 -30.00 0.50 -5.92
N LEU A 24 -29.73 -0.75 -5.45
CA LEU A 24 -30.83 -1.51 -4.87
C LEU A 24 -31.10 -1.05 -3.43
N PRO A 25 -32.33 -1.22 -2.94
CA PRO A 25 -32.60 -0.99 -1.52
C PRO A 25 -31.63 -1.74 -0.61
N PHE A 26 -31.19 -1.06 0.46
CA PHE A 26 -30.28 -1.57 1.49
C PHE A 26 -28.89 -1.84 0.91
N LEU A 27 -28.79 -2.65 -0.15
CA LEU A 27 -27.47 -2.98 -0.71
C LEU A 27 -26.73 -1.81 -1.40
N GLY A 28 -27.46 -0.82 -1.88
CA GLY A 28 -26.81 0.16 -2.75
C GLY A 28 -26.27 -0.58 -3.96
N ASN A 29 -25.02 -0.32 -4.29
CA ASN A 29 -24.41 -0.93 -5.47
C ASN A 29 -23.45 -2.06 -5.13
N ILE A 30 -23.49 -2.59 -3.90
CA ILE A 30 -22.41 -3.49 -3.49
C ILE A 30 -22.40 -4.75 -4.33
N LEU A 31 -23.53 -5.14 -4.91
CA LEU A 31 -23.53 -6.33 -5.74
C LEU A 31 -22.67 -6.14 -6.99
N SER A 32 -22.43 -4.89 -7.40
CA SER A 32 -21.51 -4.67 -8.52
C SER A 32 -20.05 -4.94 -8.16
N TYR A 33 -19.72 -5.14 -6.89
CA TYR A 33 -18.37 -5.48 -6.47
C TYR A 33 -18.01 -6.94 -6.78
N HIS A 34 -18.86 -7.68 -7.49
CA HIS A 34 -18.63 -9.11 -7.67
C HIS A 34 -17.53 -9.37 -8.68
N LYS A 35 -17.35 -8.49 -9.67
CA LYS A 35 -16.19 -8.55 -10.55
C LYS A 35 -14.96 -7.94 -9.92
N GLY A 36 -15.05 -7.54 -8.66
CA GLY A 36 -13.96 -6.78 -8.08
C GLY A 36 -14.22 -5.30 -8.24
N PHE A 37 -13.72 -4.53 -7.28
CA PHE A 37 -14.13 -3.14 -7.31
C PHE A 37 -13.21 -2.26 -8.14
N CYS A 38 -12.08 -2.78 -8.61
CA CYS A 38 -11.31 -2.03 -9.60
C CYS A 38 -11.95 -2.13 -10.97
N MET A 39 -12.55 -3.27 -11.29
CA MET A 39 -13.31 -3.39 -12.53
C MET A 39 -14.59 -2.56 -12.46
N PHE A 40 -15.24 -2.52 -11.29
CA PHE A 40 -16.37 -1.63 -11.10
C PHE A 40 -16.00 -0.19 -11.37
N ASP A 41 -14.82 0.23 -10.94
CA ASP A 41 -14.39 1.62 -11.17
C ASP A 41 -14.08 1.88 -12.63
N MET A 42 -13.51 0.91 -13.34
CA MET A 42 -13.23 1.11 -14.76
C MET A 42 -14.52 1.24 -15.56
N GLU A 43 -15.49 0.38 -15.28
CA GLU A 43 -16.75 0.45 -16.01
C GLU A 43 -17.47 1.76 -15.71
N CYS A 44 -17.61 2.14 -14.44
CA CYS A 44 -18.23 3.41 -14.12
C CYS A 44 -17.52 4.56 -14.81
N HIS A 45 -16.18 4.53 -14.87
CA HIS A 45 -15.46 5.62 -15.51
C HIS A 45 -15.74 5.64 -17.00
N LYS A 46 -15.92 4.45 -17.59
CA LYS A 46 -16.10 4.34 -19.04
C LYS A 46 -17.49 4.81 -19.46
N LYS A 47 -18.53 4.49 -18.69
CA LYS A 47 -19.88 4.80 -19.13
C LYS A 47 -20.47 6.03 -18.45
N TYR A 48 -19.75 6.68 -17.53
CA TYR A 48 -20.26 7.90 -16.94
C TYR A 48 -19.41 9.13 -17.18
N GLY A 49 -18.13 8.98 -17.45
CA GLY A 49 -17.28 10.12 -17.77
C GLY A 49 -16.40 10.52 -16.59
N LYS A 50 -16.43 11.80 -16.24
CA LYS A 50 -15.44 12.35 -15.32
C LYS A 50 -15.84 12.24 -13.87
N VAL A 51 -17.12 12.06 -13.57
CA VAL A 51 -17.63 12.11 -12.22
C VAL A 51 -18.82 11.16 -12.14
N TRP A 52 -18.96 10.43 -11.03
CA TRP A 52 -20.13 9.58 -10.86
C TRP A 52 -20.32 9.24 -9.39
N GLY A 53 -21.51 8.69 -9.12
CA GLY A 53 -21.94 8.44 -7.77
C GLY A 53 -22.46 7.01 -7.65
N PHE A 54 -22.33 6.48 -6.45
CA PHE A 54 -22.77 5.14 -6.15
C PHE A 54 -22.84 5.02 -4.64
N TYR A 55 -23.41 3.92 -4.18
CA TYR A 55 -23.76 3.77 -2.77
C TYR A 55 -23.20 2.45 -2.25
N ASP A 56 -22.38 2.54 -1.22
CA ASP A 56 -21.94 1.39 -0.42
C ASP A 56 -22.99 1.23 0.67
N GLY A 57 -23.99 0.40 0.38
CA GLY A 57 -25.17 0.35 1.23
C GLY A 57 -25.92 1.66 1.17
N GLN A 58 -25.98 2.35 2.29
CA GLN A 58 -26.61 3.66 2.36
C GLN A 58 -25.62 4.80 2.21
N GLN A 59 -24.31 4.52 2.15
CA GLN A 59 -23.29 5.57 2.13
C GLN A 59 -23.07 6.06 0.70
N PRO A 60 -23.26 7.34 0.40
CA PRO A 60 -22.96 7.82 -0.94
C PRO A 60 -21.47 8.09 -1.12
N VAL A 61 -21.01 7.80 -2.33
CA VAL A 61 -19.61 7.92 -2.68
C VAL A 61 -19.57 8.58 -4.04
N LEU A 62 -18.84 9.66 -4.13
CA LEU A 62 -18.67 10.41 -5.37
C LEU A 62 -17.25 10.15 -5.90
N ALA A 63 -17.15 9.52 -7.07
CA ALA A 63 -15.87 9.35 -7.74
C ALA A 63 -15.52 10.57 -8.60
N ILE A 64 -14.27 11.04 -8.49
CA ILE A 64 -13.80 12.17 -9.27
C ILE A 64 -12.53 11.78 -10.02
N THR A 65 -12.44 12.18 -11.30
CA THR A 65 -11.30 11.84 -12.13
C THR A 65 -10.63 13.07 -12.73
N ASP A 66 -11.12 14.25 -12.46
CA ASP A 66 -10.47 15.44 -12.98
C ASP A 66 -9.23 15.76 -12.15
N PRO A 67 -8.08 15.92 -12.80
CA PRO A 67 -6.83 16.23 -12.06
C PRO A 67 -6.93 17.46 -11.19
N ASP A 68 -7.62 18.51 -11.65
CA ASP A 68 -7.76 19.72 -10.86
C ASP A 68 -8.58 19.47 -9.60
N MET A 69 -9.71 18.77 -9.75
CA MET A 69 -10.54 18.47 -8.61
C MET A 69 -9.84 17.55 -7.62
N ILE A 70 -9.10 16.58 -8.14
CA ILE A 70 -8.29 15.73 -7.27
C ILE A 70 -7.34 16.59 -6.43
N LYS A 71 -6.77 17.62 -7.04
CA LYS A 71 -5.82 18.49 -6.35
C LYS A 71 -6.51 19.34 -5.28
N THR A 72 -7.67 19.92 -5.60
CA THR A 72 -8.43 20.62 -4.57
C THR A 72 -8.73 19.71 -3.39
N VAL A 73 -9.05 18.44 -3.65
CA VAL A 73 -9.50 17.53 -2.60
C VAL A 73 -8.33 17.02 -1.78
N LEU A 74 -7.25 16.60 -2.45
CA LEU A 74 -6.14 15.99 -1.74
C LEU A 74 -5.21 17.03 -1.16
N VAL A 75 -5.01 18.15 -1.85
CA VAL A 75 -4.13 19.21 -1.38
C VAL A 75 -4.86 20.43 -0.87
N LYS A 76 -5.49 21.17 -1.79
CA LYS A 76 -5.99 22.50 -1.46
C LYS A 76 -6.89 22.47 -0.25
N GLU A 77 -7.87 21.58 -0.23
CA GLU A 77 -8.94 21.66 0.76
C GLU A 77 -8.86 20.51 1.75
N CYS A 78 -7.63 20.09 2.06
CA CYS A 78 -7.43 18.90 2.88
C CYS A 78 -7.73 19.19 4.35
N TYR A 79 -7.10 20.23 4.90
CA TYR A 79 -7.26 20.57 6.32
C TYR A 79 -8.66 21.07 6.66
N SER A 80 -9.36 21.69 5.71
CA SER A 80 -10.62 22.37 5.97
C SER A 80 -11.86 21.54 5.67
N VAL A 81 -11.84 20.64 4.68
CA VAL A 81 -13.03 19.88 4.31
C VAL A 81 -12.82 18.39 4.22
N PHE A 82 -11.70 17.96 3.65
CA PHE A 82 -11.43 16.56 3.30
C PHE A 82 -10.26 16.04 4.12
N THR A 83 -10.45 15.94 5.43
CA THR A 83 -9.35 15.65 6.34
C THR A 83 -9.17 14.16 6.63
N ASN A 84 -10.25 13.40 6.61
CA ASN A 84 -10.28 12.05 7.16
C ASN A 84 -10.65 11.04 6.09
N ARG A 85 -10.38 9.78 6.40
CA ARG A 85 -10.84 8.65 5.58
C ARG A 85 -12.16 8.14 6.14
N ARG A 86 -12.74 7.17 5.43
CA ARG A 86 -14.04 6.83 5.98
C ARG A 86 -13.86 5.87 7.15
N PRO A 87 -14.73 5.96 8.15
CA PRO A 87 -14.65 5.03 9.28
C PRO A 87 -15.02 3.62 8.85
N PHE A 88 -14.32 2.63 9.40
CA PHE A 88 -14.64 1.26 9.05
C PHE A 88 -15.07 0.42 10.25
N GLY A 89 -15.00 -0.91 10.14
CA GLY A 89 -15.57 -1.84 11.11
C GLY A 89 -14.92 -1.75 12.47
N PRO A 90 -15.38 -2.53 13.44
CA PRO A 90 -14.77 -2.47 14.77
C PRO A 90 -13.26 -2.35 14.78
N VAL A 91 -12.80 -1.26 15.36
CA VAL A 91 -11.41 -0.84 15.28
C VAL A 91 -10.81 -0.78 16.69
N GLY A 92 -11.65 -0.64 17.71
CA GLY A 92 -11.17 -0.63 19.09
C GLY A 92 -10.14 0.46 19.35
N PHE A 93 -9.08 0.10 20.08
CA PHE A 93 -8.02 1.05 20.41
C PHE A 93 -7.18 1.45 19.20
N MET A 94 -7.32 0.76 18.06
CA MET A 94 -6.63 1.24 16.88
C MET A 94 -7.23 2.46 16.28
N LYS A 95 -8.22 3.08 16.93
CA LYS A 95 -8.66 4.40 16.49
C LYS A 95 -7.59 5.46 16.69
N SER A 96 -6.55 5.20 17.51
CA SER A 96 -5.37 6.04 17.71
C SER A 96 -4.31 5.88 16.63
N ALA A 97 -4.41 4.88 15.76
CA ALA A 97 -3.43 4.73 14.69
C ALA A 97 -3.53 5.87 13.70
N ILE A 98 -2.39 6.28 13.16
CA ILE A 98 -2.31 7.51 12.39
C ILE A 98 -3.21 7.45 11.16
N SER A 99 -3.22 6.33 10.44
CA SER A 99 -4.07 6.23 9.25
C SER A 99 -5.57 6.16 9.58
N ILE A 100 -5.94 5.70 10.77
CA ILE A 100 -7.35 5.66 11.17
C ILE A 100 -7.78 6.93 11.89
N ALA A 101 -6.86 7.67 12.53
CA ALA A 101 -7.26 8.83 13.32
C ALA A 101 -7.76 9.97 12.42
N GLU A 102 -8.41 10.95 13.05
CA GLU A 102 -9.15 12.01 12.38
C GLU A 102 -8.81 13.39 12.93
N ASP A 103 -9.01 14.39 12.09
CA ASP A 103 -8.99 15.82 12.44
C ASP A 103 -7.77 16.24 13.26
N GLU A 104 -7.97 17.02 14.33
CA GLU A 104 -6.81 17.47 15.09
C GLU A 104 -6.01 16.31 15.65
N GLU A 105 -6.65 15.16 15.90
CA GLU A 105 -5.91 14.04 16.45
C GLU A 105 -4.96 13.45 15.40
N TRP A 106 -5.42 13.32 14.16
CA TRP A 106 -4.50 12.87 13.12
C TRP A 106 -3.32 13.82 12.97
N LYS A 107 -3.60 15.14 12.94
CA LYS A 107 -2.57 16.15 12.79
C LYS A 107 -1.46 15.97 13.81
N ARG A 108 -1.82 15.81 15.07
CA ARG A 108 -0.83 15.57 16.11
C ARG A 108 0.02 14.34 15.80
N LEU A 109 -0.62 13.21 15.48
CA LEU A 109 0.14 12.01 15.12
C LEU A 109 1.01 12.23 13.89
N ARG A 110 0.49 12.89 12.86
CA ARG A 110 1.27 13.14 11.66
C ARG A 110 2.52 13.93 12.00
N SER A 111 2.35 15.01 12.77
CA SER A 111 3.47 15.85 13.16
C SER A 111 4.45 15.12 14.07
N LEU A 112 3.97 14.23 14.93
CA LEU A 112 4.86 13.51 15.82
C LEU A 112 5.65 12.46 15.07
N LEU A 113 5.10 11.90 14.00
CA LEU A 113 5.73 10.79 13.28
C LEU A 113 6.46 11.22 12.02
N SER A 114 6.28 12.45 11.56
CA SER A 114 6.98 12.92 10.36
C SER A 114 8.50 12.81 10.46
N PRO A 115 9.16 13.27 11.53
CA PRO A 115 10.63 13.20 11.54
C PRO A 115 11.16 11.79 11.51
N THR A 116 10.32 10.81 11.88
CA THR A 116 10.71 9.41 11.79
C THR A 116 10.92 8.94 10.35
N PHE A 117 10.37 9.62 9.33
CA PHE A 117 10.45 9.12 7.96
C PHE A 117 11.27 10.00 7.03
N THR A 118 12.23 10.74 7.58
CA THR A 118 13.00 11.67 6.77
C THR A 118 14.08 10.91 6.01
N SER A 119 14.69 11.58 5.02
CA SER A 119 15.77 10.92 4.31
C SER A 119 16.92 10.63 5.27
N GLY A 120 17.17 11.54 6.21
CA GLY A 120 18.22 11.32 7.20
C GLY A 120 18.07 10.02 7.95
N LYS A 121 16.89 9.76 8.54
CA LYS A 121 16.69 8.52 9.29
C LYS A 121 16.67 7.32 8.36
N LEU A 122 16.08 7.48 7.17
CA LEU A 122 16.07 6.40 6.19
C LEU A 122 17.48 5.96 5.83
N LYS A 123 18.42 6.90 5.67
CA LYS A 123 19.78 6.51 5.36
C LYS A 123 20.41 5.70 6.50
N GLU A 124 20.03 5.99 7.75
CA GLU A 124 20.53 5.22 8.87
C GLU A 124 19.95 3.81 8.94
N MET A 125 18.79 3.57 8.34
CA MET A 125 18.20 2.24 8.31
C MET A 125 18.76 1.36 7.19
N VAL A 126 19.44 1.94 6.20
CA VAL A 126 19.87 1.17 5.04
C VAL A 126 20.78 0.00 5.42
N PRO A 127 21.84 0.20 6.21
CA PRO A 127 22.66 -0.95 6.59
C PRO A 127 21.88 -2.07 7.25
N ILE A 128 20.87 -1.73 8.06
CA ILE A 128 20.09 -2.75 8.75
C ILE A 128 19.28 -3.57 7.76
N ILE A 129 18.52 -2.91 6.89
CA ILE A 129 17.70 -3.67 5.94
C ILE A 129 18.54 -4.27 4.82
N ALA A 130 19.77 -3.83 4.63
CA ALA A 130 20.62 -4.49 3.65
C ALA A 130 21.09 -5.86 4.14
N GLN A 131 21.19 -6.04 5.46
CA GLN A 131 21.60 -7.31 6.03
C GLN A 131 20.61 -8.43 5.70
N TYR A 132 19.32 -8.11 5.65
CA TYR A 132 18.31 -9.10 5.29
C TYR A 132 18.20 -9.30 3.79
N GLY A 133 18.54 -8.28 3.00
CA GLY A 133 18.85 -8.52 1.60
C GLY A 133 19.74 -9.74 1.43
N ASP A 134 20.86 -9.79 2.17
CA ASP A 134 21.76 -10.92 2.05
C ASP A 134 21.10 -12.21 2.54
N VAL A 135 20.33 -12.13 3.63
CA VAL A 135 19.58 -13.29 4.11
C VAL A 135 18.59 -13.78 3.05
N LEU A 136 18.00 -12.84 2.31
CA LEU A 136 17.10 -13.23 1.23
C LEU A 136 17.85 -14.00 0.14
N VAL A 137 19.00 -13.49 -0.28
CA VAL A 137 19.81 -14.19 -1.28
C VAL A 137 20.22 -15.57 -0.80
N ARG A 138 20.49 -15.71 0.50
CA ARG A 138 20.81 -17.01 1.07
C ARG A 138 19.64 -17.98 0.88
N ASN A 139 18.45 -17.60 1.34
CA ASN A 139 17.27 -18.44 1.15
C ASN A 139 16.90 -18.61 -0.32
N LEU A 140 17.29 -17.67 -1.19
CA LEU A 140 16.99 -17.82 -2.62
C LEU A 140 17.89 -18.86 -3.28
N ARG A 141 19.18 -18.85 -2.95
CA ARG A 141 20.08 -19.84 -3.53
C ARG A 141 19.58 -21.24 -3.23
N ARG A 142 18.89 -21.44 -2.12
CA ARG A 142 18.50 -22.78 -1.70
C ARG A 142 17.35 -23.29 -2.57
N GLU A 143 16.22 -22.59 -2.57
CA GLU A 143 15.09 -23.01 -3.39
C GLU A 143 15.38 -22.94 -4.88
N ALA A 144 16.53 -22.37 -5.28
CA ALA A 144 16.93 -22.47 -6.67
C ALA A 144 17.55 -23.83 -6.98
N GLU A 145 18.25 -24.42 -6.01
CA GLU A 145 18.80 -25.76 -6.20
C GLU A 145 17.70 -26.80 -6.31
N THR A 146 16.56 -26.60 -5.64
CA THR A 146 15.42 -27.52 -5.79
C THR A 146 15.02 -27.72 -7.25
N GLY A 147 15.35 -26.76 -8.13
CA GLY A 147 14.86 -26.79 -9.49
C GLY A 147 13.35 -26.68 -9.57
N LYS A 148 12.68 -26.45 -8.45
CA LYS A 148 11.24 -26.24 -8.30
C LYS A 148 10.91 -24.77 -8.48
N PRO A 149 9.85 -24.48 -9.25
CA PRO A 149 9.35 -23.11 -9.31
C PRO A 149 9.10 -22.57 -7.92
N VAL A 150 9.55 -21.34 -7.67
CA VAL A 150 9.58 -20.76 -6.33
C VAL A 150 8.37 -19.86 -6.13
N THR A 151 7.77 -19.91 -4.95
CA THR A 151 6.64 -19.04 -4.62
C THR A 151 7.19 -17.74 -4.02
N LEU A 152 7.07 -16.65 -4.77
CA LEU A 152 7.79 -15.44 -4.39
C LEU A 152 7.22 -14.81 -3.14
N LYS A 153 5.92 -14.93 -2.90
CA LYS A 153 5.32 -14.31 -1.72
C LYS A 153 5.87 -14.91 -0.43
N ASP A 154 6.39 -16.14 -0.46
CA ASP A 154 7.01 -16.71 0.72
C ASP A 154 8.37 -16.06 1.00
N VAL A 155 9.29 -16.14 0.04
CA VAL A 155 10.62 -15.59 0.26
C VAL A 155 10.53 -14.07 0.40
N PHE A 156 9.64 -13.42 -0.35
CA PHE A 156 9.44 -11.98 -0.17
C PHE A 156 8.70 -11.69 1.13
N GLY A 157 7.64 -12.44 1.41
CA GLY A 157 6.92 -12.27 2.66
C GLY A 157 7.84 -12.37 3.87
N ALA A 158 8.69 -13.39 3.90
CA ALA A 158 9.63 -13.52 5.00
C ALA A 158 10.58 -12.33 5.04
N TYR A 159 11.16 -11.97 3.90
CA TYR A 159 12.07 -10.83 3.87
C TYR A 159 11.39 -9.57 4.38
N SER A 160 10.19 -9.28 3.86
CA SER A 160 9.46 -8.10 4.32
C SER A 160 9.24 -8.12 5.83
N MET A 161 8.97 -9.30 6.41
CA MET A 161 8.83 -9.38 7.86
C MET A 161 10.16 -9.13 8.56
N ASP A 162 11.23 -9.74 8.06
CA ASP A 162 12.54 -9.51 8.65
C ASP A 162 12.86 -8.02 8.69
N VAL A 163 12.55 -7.30 7.61
CA VAL A 163 12.85 -5.87 7.59
C VAL A 163 12.00 -5.14 8.60
N ILE A 164 10.70 -5.42 8.63
CA ILE A 164 9.84 -4.62 9.47
C ILE A 164 10.14 -4.89 10.95
N THR A 165 10.39 -6.16 11.30
CA THR A 165 10.66 -6.45 12.70
C THR A 165 11.90 -5.72 13.18
N SER A 166 12.94 -5.68 12.36
CA SER A 166 14.19 -5.06 12.78
C SER A 166 14.17 -3.55 12.60
N THR A 167 13.25 -3.02 11.78
CA THR A 167 13.14 -1.57 11.64
C THR A 167 12.20 -0.95 12.66
N SER A 168 11.18 -1.70 13.11
CA SER A 168 10.27 -1.18 14.12
C SER A 168 10.63 -1.54 15.55
N PHE A 169 11.39 -2.61 15.79
CA PHE A 169 11.74 -2.97 17.16
C PHE A 169 13.16 -3.49 17.36
N GLY A 170 13.99 -3.59 16.33
CA GLY A 170 15.32 -4.10 16.56
C GLY A 170 15.38 -5.60 16.81
N VAL A 171 14.32 -6.33 16.48
CA VAL A 171 14.27 -7.78 16.68
C VAL A 171 14.77 -8.45 15.40
N ASN A 172 16.06 -8.78 15.38
CA ASN A 172 16.66 -9.43 14.22
C ASN A 172 16.26 -10.89 14.20
N ILE A 173 15.72 -11.33 13.06
CA ILE A 173 15.27 -12.71 12.93
C ILE A 173 15.25 -13.17 11.47
N ASP A 174 15.28 -14.49 11.30
CA ASP A 174 15.14 -15.16 10.00
C ASP A 174 13.75 -15.82 10.03
N SER A 175 12.74 -15.11 9.51
CA SER A 175 11.37 -15.61 9.60
C SER A 175 11.18 -16.93 8.88
N LEU A 176 11.93 -17.15 7.79
CA LEU A 176 11.77 -18.35 6.99
C LEU A 176 12.46 -19.54 7.63
N ASN A 177 13.61 -19.31 8.28
CA ASN A 177 14.37 -20.37 8.92
C ASN A 177 14.09 -20.47 10.42
N ASN A 178 13.47 -19.47 11.04
CA ASN A 178 12.98 -19.57 12.42
C ASN A 178 11.46 -19.63 12.39
N PRO A 179 10.89 -20.83 12.19
CA PRO A 179 9.44 -20.92 11.93
C PRO A 179 8.58 -20.27 12.99
N GLN A 180 8.88 -20.49 14.27
CA GLN A 180 8.03 -20.01 15.36
C GLN A 180 8.91 -19.39 16.44
N ASP A 181 9.20 -18.10 16.28
CA ASP A 181 9.63 -17.22 17.35
C ASP A 181 8.39 -16.47 17.84
N PRO A 182 8.26 -16.25 19.17
CA PRO A 182 7.14 -15.45 19.70
C PRO A 182 6.88 -14.17 18.91
N PHE A 183 7.93 -13.54 18.38
CA PHE A 183 7.70 -12.34 17.58
C PHE A 183 7.27 -12.78 16.18
N VAL A 184 8.03 -13.69 15.56
CA VAL A 184 7.70 -14.09 14.19
C VAL A 184 6.32 -14.74 14.12
N GLU A 185 5.99 -15.60 15.09
CA GLU A 185 4.63 -16.16 15.15
C GLU A 185 3.58 -15.06 15.18
N ASN A 186 3.60 -14.24 16.24
CA ASN A 186 2.61 -13.20 16.41
C ASN A 186 2.56 -12.26 15.21
N THR A 187 3.73 -11.89 14.67
CA THR A 187 3.71 -11.12 13.44
C THR A 187 3.26 -11.95 12.23
N LYS A 188 3.07 -13.26 12.36
CA LYS A 188 2.49 -14.04 11.27
C LYS A 188 0.97 -14.12 11.30
N LYS A 189 0.37 -14.32 12.48
CA LYS A 189 -1.09 -14.41 12.59
C LYS A 189 -1.68 -13.02 12.38
N LEU A 190 -1.64 -12.58 11.11
CA LEU A 190 -2.24 -11.31 10.67
C LEU A 190 -1.79 -11.00 9.26
N ASP A 197 -13.82 -9.55 1.81
CA ASP A 197 -14.20 -10.77 2.49
C ASP A 197 -15.68 -10.70 2.87
N PRO A 198 -16.24 -11.76 3.47
CA PRO A 198 -17.67 -11.70 3.83
C PRO A 198 -17.99 -10.67 4.89
N PHE A 199 -17.15 -10.57 5.93
CA PHE A 199 -17.46 -9.69 7.05
C PHE A 199 -17.42 -8.23 6.60
N PHE A 200 -16.52 -7.90 5.68
CA PHE A 200 -16.41 -6.52 5.18
C PHE A 200 -17.65 -6.10 4.40
N LEU A 201 -18.19 -7.01 3.57
CA LEU A 201 -19.42 -6.67 2.87
C LEU A 201 -20.60 -6.59 3.83
N SER A 202 -20.68 -7.50 4.80
CA SER A 202 -21.74 -7.42 5.81
C SER A 202 -21.68 -6.11 6.57
N ILE A 203 -20.52 -5.78 7.16
CA ILE A 203 -20.33 -4.47 7.79
C ILE A 203 -20.82 -3.36 6.87
N THR A 204 -20.46 -3.39 5.58
CA THR A 204 -20.80 -2.28 4.70
C THR A 204 -22.30 -2.15 4.51
N VAL A 205 -23.03 -3.26 4.47
CA VAL A 205 -24.49 -3.20 4.41
C VAL A 205 -25.14 -3.18 5.80
N PHE A 206 -24.34 -3.32 6.85
CA PHE A 206 -24.84 -3.28 8.22
C PHE A 206 -23.99 -2.34 9.08
N PRO A 207 -23.70 -1.13 8.62
CA PRO A 207 -22.82 -0.25 9.40
C PRO A 207 -23.35 0.12 10.76
N PHE A 208 -24.67 0.03 10.96
CA PHE A 208 -25.24 0.25 12.26
C PHE A 208 -24.87 -0.82 13.27
N LEU A 209 -24.19 -1.88 12.84
CA LEU A 209 -23.77 -2.92 13.77
C LEU A 209 -22.38 -2.69 14.33
N ILE A 210 -21.61 -1.78 13.73
CA ILE A 210 -20.27 -1.46 14.24
C ILE A 210 -20.30 -1.08 15.70
N PRO A 211 -21.18 -0.21 16.20
CA PRO A 211 -21.19 0.06 17.64
C PRO A 211 -21.49 -1.17 18.47
N ILE A 212 -22.28 -2.13 17.99
CA ILE A 212 -22.50 -3.33 18.78
C ILE A 212 -21.20 -4.13 18.93
N LEU A 213 -20.45 -4.30 17.83
CA LEU A 213 -19.18 -5.01 17.87
C LEU A 213 -18.16 -4.33 18.77
N GLU A 214 -18.09 -3.00 18.74
CA GLU A 214 -17.13 -2.29 19.58
C GLU A 214 -17.42 -2.53 21.07
N VAL A 215 -18.69 -2.42 21.47
CA VAL A 215 -18.99 -2.57 22.89
C VAL A 215 -18.67 -3.99 23.34
N LEU A 216 -18.74 -4.98 22.44
CA LEU A 216 -18.40 -6.36 22.77
C LEU A 216 -16.92 -6.66 22.63
N ASN A 217 -16.06 -5.63 22.46
CA ASN A 217 -14.61 -5.81 22.44
C ASN A 217 -14.14 -6.68 21.30
N ILE A 218 -14.95 -6.74 20.26
CA ILE A 218 -14.62 -7.45 19.03
C ILE A 218 -13.92 -6.48 18.10
N CYS A 219 -12.80 -6.89 17.55
CA CYS A 219 -11.94 -5.98 16.84
C CYS A 219 -11.37 -6.69 15.63
N VAL A 220 -11.38 -6.01 14.48
CA VAL A 220 -10.92 -6.63 13.25
C VAL A 220 -9.42 -6.85 13.29
N PHE A 221 -8.70 -6.20 14.20
CA PHE A 221 -7.32 -6.59 14.48
C PHE A 221 -7.33 -7.71 15.52
N PRO A 222 -6.79 -8.90 15.21
CA PRO A 222 -6.82 -10.00 16.18
C PRO A 222 -6.26 -9.60 17.52
N ARG A 223 -7.13 -9.46 18.53
CA ARG A 223 -6.69 -8.85 19.78
C ARG A 223 -5.54 -9.62 20.41
N GLU A 224 -5.34 -10.89 20.04
CA GLU A 224 -4.28 -11.70 20.66
C GLU A 224 -2.88 -11.22 20.29
N VAL A 225 -2.71 -10.72 19.07
CA VAL A 225 -1.40 -10.18 18.71
C VAL A 225 -1.15 -8.89 19.47
N THR A 226 -2.21 -8.10 19.70
CA THR A 226 -2.05 -6.78 20.27
C THR A 226 -1.65 -6.83 21.74
N ASN A 227 -2.11 -7.83 22.51
CA ASN A 227 -1.60 -7.89 23.88
C ASN A 227 -0.11 -8.24 23.89
N PHE A 228 0.32 -9.11 22.96
CA PHE A 228 1.72 -9.50 22.93
C PHE A 228 2.62 -8.31 22.62
N LEU A 229 2.17 -7.42 21.74
CA LEU A 229 3.03 -6.30 21.36
C LEU A 229 3.20 -5.31 22.49
N ARG A 230 2.11 -4.99 23.19
CA ARG A 230 2.21 -4.12 24.36
C ARG A 230 3.21 -4.68 25.37
N LYS A 231 3.13 -5.98 25.64
CA LYS A 231 4.13 -6.65 26.47
C LYS A 231 5.54 -6.41 25.93
N SER A 232 5.76 -6.74 24.65
CA SER A 232 7.09 -6.59 24.06
C SER A 232 7.59 -5.15 24.17
N VAL A 233 6.74 -4.17 23.87
CA VAL A 233 7.09 -2.78 24.11
C VAL A 233 7.54 -2.59 25.56
N LYS A 234 6.81 -3.17 26.51
CA LYS A 234 7.22 -3.04 27.92
C LYS A 234 8.58 -3.69 28.17
N ARG A 235 8.78 -4.93 27.71
CA ARG A 235 10.06 -5.60 27.88
C ARG A 235 11.13 -4.96 26.99
N MET A 236 10.76 -3.88 26.30
CA MET A 236 11.72 -3.08 25.54
C MET A 236 11.70 -1.61 25.94
N LYS A 237 10.98 -1.24 26.99
CA LYS A 237 10.97 0.16 27.40
C LYS A 237 12.30 0.55 28.02
N GLU A 238 12.80 -0.25 28.97
CA GLU A 238 14.12 -0.02 29.51
C GLU A 238 15.16 -1.01 29.00
N SER A 239 14.78 -2.28 28.87
CA SER A 239 15.70 -3.37 28.50
C SER A 239 16.60 -3.06 27.30
N VAL A 249 18.98 2.23 16.39
CA VAL A 249 18.08 2.94 15.47
C VAL A 249 16.97 2.00 14.98
N ASP A 250 15.74 2.40 15.25
CA ASP A 250 14.52 1.69 14.83
C ASP A 250 13.32 2.57 15.15
N PHE A 251 12.15 2.16 14.66
CA PHE A 251 10.95 2.99 14.78
C PHE A 251 10.53 3.18 16.23
N LEU A 252 10.68 2.14 17.06
CA LEU A 252 10.26 2.24 18.46
C LEU A 252 11.04 3.32 19.19
N GLN A 253 12.38 3.27 19.13
CA GLN A 253 13.20 4.25 19.84
C GLN A 253 12.94 5.66 19.32
N LEU A 254 12.97 5.84 17.99
CA LEU A 254 12.64 7.13 17.39
C LEU A 254 11.35 7.70 17.96
N MET A 255 10.37 6.83 18.24
CA MET A 255 9.12 7.25 18.87
C MET A 255 9.25 7.37 20.38
N ILE A 256 10.07 6.53 21.00
CA ILE A 256 10.29 6.65 22.44
C ILE A 256 11.20 7.83 22.75
N ASP A 257 12.30 7.96 22.01
CA ASP A 257 13.19 9.11 22.20
C ASP A 257 12.45 10.42 21.96
N SER A 258 11.45 10.42 21.08
CA SER A 258 10.65 11.61 20.87
C SER A 258 9.90 12.02 22.13
N GLN A 259 9.36 11.05 22.88
CA GLN A 259 8.72 11.33 24.16
C GLN A 259 9.71 11.82 25.21
N ASN A 260 11.01 11.73 24.96
CA ASN A 260 12.03 12.19 25.89
C ASN A 260 12.76 13.41 25.34
N HIS A 267 3.23 20.29 19.79
CA HIS A 267 2.11 19.47 20.24
C HIS A 267 2.26 18.98 21.67
N LYS A 268 1.68 17.81 21.91
CA LYS A 268 1.76 17.08 23.17
C LYS A 268 2.33 15.70 22.90
N ALA A 269 3.23 15.25 23.79
CA ALA A 269 3.99 14.03 23.53
C ALA A 269 3.08 12.81 23.40
N LEU A 270 3.64 11.75 22.82
CA LEU A 270 2.90 10.52 22.58
C LEU A 270 2.71 9.77 23.90
N SER A 271 1.83 8.77 23.85
CA SER A 271 1.60 7.89 24.99
C SER A 271 2.02 6.46 24.66
N ASP A 272 2.02 5.61 25.69
CA ASP A 272 2.50 4.25 25.52
C ASP A 272 1.55 3.44 24.66
N LEU A 273 0.24 3.59 24.88
CA LEU A 273 -0.70 2.84 24.08
C LEU A 273 -0.73 3.36 22.65
N GLU A 274 -0.67 4.68 22.47
CA GLU A 274 -0.59 5.26 21.12
C GLU A 274 0.61 4.71 20.37
N LEU A 275 1.71 4.51 21.09
CA LEU A 275 2.92 3.92 20.54
C LEU A 275 2.63 2.59 19.84
N VAL A 276 1.86 1.73 20.49
CA VAL A 276 1.62 0.39 19.99
C VAL A 276 0.70 0.40 18.76
N ALA A 277 -0.16 1.42 18.63
CA ALA A 277 -1.07 1.47 17.49
C ALA A 277 -0.32 1.75 16.20
N GLN A 278 0.56 2.76 16.24
CA GLN A 278 1.39 3.12 15.08
C GLN A 278 2.26 1.94 14.64
N SER A 279 2.90 1.25 15.58
CA SER A 279 3.75 0.13 15.19
C SER A 279 2.95 -0.91 14.43
N ILE A 280 1.78 -1.30 14.95
CA ILE A 280 0.92 -2.23 14.25
C ILE A 280 0.64 -1.77 12.82
N ILE A 281 0.29 -0.49 12.65
CA ILE A 281 0.06 -0.01 11.29
C ILE A 281 1.30 -0.21 10.42
N PHE A 282 2.50 -0.04 11.00
CA PHE A 282 3.73 -0.13 10.21
C PHE A 282 3.98 -1.56 9.72
N ILE A 283 3.76 -2.54 10.59
CA ILE A 283 3.83 -3.95 10.21
C ILE A 283 2.92 -4.25 9.02
N PHE A 284 1.63 -3.93 9.14
CA PHE A 284 0.70 -4.20 8.06
C PHE A 284 1.15 -3.52 6.76
N ALA A 285 1.42 -2.22 6.82
CA ALA A 285 2.03 -1.57 5.66
C ALA A 285 3.29 -2.30 5.22
N GLY A 286 4.29 -2.38 6.10
CA GLY A 286 5.57 -2.96 5.71
C GLY A 286 5.44 -4.35 5.13
N TYR A 287 4.59 -5.19 5.73
CA TYR A 287 4.51 -6.59 5.33
C TYR A 287 3.78 -6.78 4.01
N GLU A 288 2.49 -6.46 3.97
CA GLU A 288 1.72 -6.83 2.79
C GLU A 288 2.03 -5.95 1.61
N THR A 289 2.25 -4.65 1.81
CA THR A 289 2.46 -3.82 0.64
C THR A 289 3.81 -4.14 0.01
N THR A 290 4.86 -4.25 0.83
CA THR A 290 6.18 -4.54 0.29
C THR A 290 6.23 -5.90 -0.39
N SER A 291 5.61 -6.91 0.21
CA SER A 291 5.71 -8.23 -0.37
C SER A 291 4.86 -8.34 -1.63
N SER A 292 3.68 -7.72 -1.65
CA SER A 292 2.85 -7.82 -2.85
C SER A 292 3.42 -6.99 -4.01
N VAL A 293 4.05 -5.86 -3.73
CA VAL A 293 4.61 -5.08 -4.81
C VAL A 293 5.83 -5.78 -5.40
N LEU A 294 6.68 -6.37 -4.53
CA LEU A 294 7.87 -7.06 -5.02
C LEU A 294 7.50 -8.24 -5.89
N SER A 295 6.46 -8.98 -5.52
CA SER A 295 5.99 -10.08 -6.36
C SER A 295 5.52 -9.58 -7.73
N PHE A 296 4.72 -8.52 -7.75
CA PHE A 296 4.28 -7.98 -9.02
C PHE A 296 5.49 -7.57 -9.86
N ILE A 297 6.54 -7.04 -9.24
CA ILE A 297 7.70 -6.61 -10.00
C ILE A 297 8.37 -7.82 -10.66
N MET A 298 8.60 -8.89 -9.89
CA MET A 298 9.33 -10.01 -10.45
C MET A 298 8.49 -10.78 -11.46
N TYR A 299 7.17 -10.77 -11.29
CA TYR A 299 6.34 -11.23 -12.39
C TYR A 299 6.69 -10.45 -13.66
N GLU A 300 6.69 -9.11 -13.58
CA GLU A 300 7.00 -8.30 -14.76
C GLU A 300 8.41 -8.57 -15.28
N LEU A 301 9.39 -8.67 -14.39
CA LEU A 301 10.75 -8.93 -14.86
C LEU A 301 10.89 -10.32 -15.50
N ALA A 302 10.13 -11.32 -15.01
CA ALA A 302 10.17 -12.64 -15.62
C ALA A 302 9.50 -12.66 -16.98
N THR A 303 8.33 -12.03 -17.10
CA THR A 303 7.62 -11.95 -18.36
C THR A 303 8.18 -10.88 -19.31
N HIS A 304 9.22 -10.13 -18.93
CA HIS A 304 9.90 -9.22 -19.84
C HIS A 304 11.42 -9.36 -19.69
N PRO A 305 11.99 -10.45 -20.19
CA PRO A 305 13.44 -10.72 -19.98
C PRO A 305 14.35 -9.59 -20.42
N ASP A 306 13.97 -8.83 -21.46
CA ASP A 306 14.76 -7.68 -21.89
C ASP A 306 14.85 -6.63 -20.80
N VAL A 307 13.72 -6.32 -20.15
CA VAL A 307 13.74 -5.40 -19.03
C VAL A 307 14.60 -5.95 -17.91
N GLN A 308 14.44 -7.23 -17.60
CA GLN A 308 15.22 -7.81 -16.53
C GLN A 308 16.71 -7.76 -16.85
N GLN A 309 17.09 -8.05 -18.11
CA GLN A 309 18.50 -7.97 -18.50
C GLN A 309 19.02 -6.54 -18.39
N LYS A 310 18.30 -5.57 -18.96
CA LYS A 310 18.78 -4.19 -18.93
C LYS A 310 18.94 -3.69 -17.49
N LEU A 311 18.02 -4.11 -16.60
CA LEU A 311 18.14 -3.72 -15.20
C LEU A 311 19.37 -4.35 -14.53
N GLN A 312 19.69 -5.60 -14.87
CA GLN A 312 20.88 -6.24 -14.29
C GLN A 312 22.16 -5.57 -14.77
N GLU A 313 22.14 -5.06 -16.00
CA GLU A 313 23.29 -4.35 -16.56
C GLU A 313 23.46 -2.99 -15.89
N GLU A 314 22.36 -2.26 -15.64
CA GLU A 314 22.46 -1.02 -14.88
C GLU A 314 22.97 -1.29 -13.46
N ILE A 315 22.45 -2.34 -12.82
CA ILE A 315 22.90 -2.71 -11.48
C ILE A 315 24.39 -3.08 -11.49
N ASP A 316 24.79 -3.97 -12.39
CA ASP A 316 26.19 -4.37 -12.42
C ASP A 316 27.11 -3.18 -12.71
N ALA A 317 26.63 -2.17 -13.42
CA ALA A 317 27.50 -1.05 -13.74
C ALA A 317 27.63 -0.08 -12.56
N VAL A 318 26.53 0.20 -11.87
CA VAL A 318 26.58 1.05 -10.67
C VAL A 318 27.31 0.33 -9.55
N LEU A 319 27.09 -0.97 -9.40
CA LEU A 319 27.61 -1.78 -8.31
C LEU A 319 28.46 -2.88 -8.93
N PRO A 320 29.71 -2.58 -9.29
CA PRO A 320 30.52 -3.55 -10.04
C PRO A 320 30.91 -4.74 -9.16
N ASN A 321 30.70 -5.94 -9.71
CA ASN A 321 31.10 -7.20 -9.08
C ASN A 321 30.30 -7.44 -7.81
N LYS A 322 28.98 -7.38 -7.94
CA LYS A 322 28.06 -7.67 -6.85
C LYS A 322 28.41 -6.88 -5.59
N ALA A 323 28.79 -5.62 -5.78
CA ALA A 323 29.11 -4.76 -4.66
C ALA A 323 27.84 -4.50 -3.83
N PRO A 324 27.98 -4.23 -2.54
CA PRO A 324 26.80 -4.06 -1.66
C PRO A 324 26.09 -2.75 -1.94
N PRO A 325 24.76 -2.76 -2.00
CA PRO A 325 24.02 -1.50 -2.25
C PRO A 325 24.09 -0.54 -1.08
N THR A 326 24.08 0.74 -1.41
CA THR A 326 24.07 1.82 -0.44
C THR A 326 22.93 2.79 -0.76
N TYR A 327 22.63 3.64 0.21
CA TYR A 327 21.60 4.67 0.03
C TYR A 327 21.88 5.46 -1.25
N ASP A 328 23.10 5.99 -1.38
CA ASP A 328 23.42 6.85 -2.52
C ASP A 328 23.42 6.07 -3.83
N THR A 329 23.88 4.82 -3.82
CA THR A 329 23.88 4.02 -5.05
C THR A 329 22.45 3.76 -5.54
N VAL A 330 21.53 3.43 -4.61
CA VAL A 330 20.14 3.18 -4.98
C VAL A 330 19.50 4.42 -5.59
N LEU A 331 19.72 5.59 -5.01
CA LEU A 331 19.12 6.81 -5.58
C LEU A 331 19.68 7.18 -6.94
N GLN A 332 20.66 6.43 -7.46
CA GLN A 332 21.32 6.72 -8.71
C GLN A 332 20.85 5.83 -9.86
N MET A 333 20.08 4.80 -9.56
CA MET A 333 19.69 3.80 -10.55
C MET A 333 18.36 4.19 -11.21
N GLU A 334 18.47 4.90 -12.35
CA GLU A 334 17.28 5.48 -12.96
C GLU A 334 16.35 4.42 -13.54
N TYR A 335 16.90 3.39 -14.19
CA TYR A 335 16.05 2.36 -14.77
C TYR A 335 15.35 1.57 -13.68
N LEU A 336 16.07 1.25 -12.59
CA LEU A 336 15.42 0.63 -11.43
C LEU A 336 14.22 1.46 -10.99
N ASP A 337 14.43 2.75 -10.80
CA ASP A 337 13.34 3.62 -10.43
C ASP A 337 12.21 3.54 -11.46
N MET A 338 12.57 3.42 -12.76
CA MET A 338 11.57 3.34 -13.83
C MET A 338 10.73 2.07 -13.73
N VAL A 339 11.34 0.95 -13.35
CA VAL A 339 10.62 -0.33 -13.27
C VAL A 339 9.64 -0.32 -12.10
N VAL A 340 10.11 0.14 -10.94
CA VAL A 340 9.24 0.30 -9.77
C VAL A 340 8.04 1.19 -10.10
N ASN A 341 8.29 2.35 -10.68
CA ASN A 341 7.20 3.26 -10.97
C ASN A 341 6.17 2.63 -11.90
N GLU A 342 6.61 1.87 -12.91
CA GLU A 342 5.69 1.32 -13.86
C GLU A 342 4.93 0.15 -13.26
N THR A 343 5.61 -0.68 -12.47
CA THR A 343 4.91 -1.71 -11.69
C THR A 343 3.81 -1.10 -10.84
N LEU A 344 4.09 0.03 -10.19
CA LEU A 344 3.12 0.71 -9.36
C LEU A 344 2.05 1.43 -10.20
N ARG A 345 2.26 1.61 -11.49
CA ARG A 345 1.16 2.12 -12.30
C ARG A 345 0.13 1.03 -12.51
N LEU A 346 0.60 -0.15 -12.91
CA LEU A 346 -0.29 -1.26 -13.20
C LEU A 346 -0.97 -1.81 -11.94
N PHE A 347 -0.28 -1.76 -10.79
CA PHE A 347 -0.79 -2.36 -9.55
C PHE A 347 -0.67 -1.37 -8.40
N PRO A 348 -1.48 -0.34 -8.39
CA PRO A 348 -1.49 0.56 -7.21
C PRO A 348 -2.21 -0.08 -6.04
N ILE A 349 -1.43 -0.59 -5.09
CA ILE A 349 -1.97 -1.53 -4.12
C ILE A 349 -3.02 -0.92 -3.20
N ALA A 350 -3.13 0.39 -3.12
CA ALA A 350 -4.25 0.95 -2.36
C ALA A 350 -5.50 1.14 -3.19
N MET A 351 -5.38 1.05 -4.53
CA MET A 351 -6.53 0.96 -5.46
C MET A 351 -7.36 2.23 -5.56
N ARG A 352 -7.69 2.80 -4.41
CA ARG A 352 -8.59 3.95 -4.30
C ARG A 352 -8.02 4.89 -3.24
N LEU A 353 -8.15 6.19 -3.46
CA LEU A 353 -7.98 7.15 -2.37
C LEU A 353 -9.36 7.61 -1.96
N GLU A 354 -9.55 7.89 -0.67
CA GLU A 354 -10.84 8.31 -0.16
C GLU A 354 -10.63 9.43 0.83
N ARG A 355 -11.57 10.40 0.84
CA ARG A 355 -11.67 11.40 1.89
C ARG A 355 -13.14 11.63 2.22
N VAL A 356 -13.46 11.80 3.50
CA VAL A 356 -14.81 12.16 3.92
C VAL A 356 -14.99 13.67 3.80
N CYS A 357 -16.08 14.07 3.15
CA CYS A 357 -16.45 15.49 3.06
C CYS A 357 -17.03 15.95 4.38
N LYS A 358 -16.29 16.81 5.12
CA LYS A 358 -16.72 17.29 6.44
C LYS A 358 -17.82 18.34 6.41
N LYS A 359 -17.94 19.11 5.33
CA LYS A 359 -18.86 20.25 5.33
C LYS A 359 -19.32 20.50 3.91
N ASP A 360 -20.55 21.02 3.77
CA ASP A 360 -21.08 21.42 2.46
C ASP A 360 -20.08 22.32 1.74
N VAL A 361 -19.56 21.89 0.59
CA VAL A 361 -18.60 22.68 -0.20
C VAL A 361 -18.89 22.62 -1.68
N GLU A 362 -18.22 23.52 -2.40
CA GLU A 362 -18.30 23.63 -3.85
C GLU A 362 -16.86 23.68 -4.35
N ILE A 363 -16.43 22.60 -4.99
CA ILE A 363 -15.07 22.48 -5.52
C ILE A 363 -15.17 22.52 -7.04
N ASN A 364 -14.33 23.36 -7.65
CA ASN A 364 -14.11 23.41 -9.10
C ASN A 364 -15.42 23.23 -9.88
N GLY A 365 -16.46 23.92 -9.43
CA GLY A 365 -17.72 23.98 -10.15
C GLY A 365 -18.78 22.97 -9.76
N MET A 366 -18.57 22.16 -8.70
CA MET A 366 -19.61 21.23 -8.30
C MET A 366 -19.80 21.23 -6.80
N PHE A 367 -21.07 21.08 -6.38
CA PHE A 367 -21.45 21.10 -4.97
C PHE A 367 -21.36 19.70 -4.38
N ILE A 368 -20.60 19.54 -3.30
CA ILE A 368 -20.35 18.29 -2.59
C ILE A 368 -21.04 18.42 -1.23
N PRO A 369 -22.08 17.65 -0.92
CA PRO A 369 -22.72 17.82 0.39
C PRO A 369 -21.98 17.07 1.50
N LYS A 370 -22.09 17.61 2.72
CA LYS A 370 -21.48 16.99 3.89
C LYS A 370 -21.74 15.50 3.91
N GLY A 371 -20.78 14.74 4.46
CA GLY A 371 -20.97 13.32 4.68
C GLY A 371 -20.77 12.42 3.46
N VAL A 372 -20.65 12.98 2.26
CA VAL A 372 -20.30 12.16 1.10
C VAL A 372 -18.84 11.74 1.20
N VAL A 373 -18.55 10.50 0.81
CA VAL A 373 -17.16 10.05 0.64
C VAL A 373 -16.75 10.36 -0.79
N VAL A 374 -15.67 11.12 -0.96
CA VAL A 374 -15.12 11.40 -2.26
C VAL A 374 -13.97 10.44 -2.52
N MET A 375 -14.03 9.73 -3.64
CA MET A 375 -13.07 8.66 -3.89
C MET A 375 -12.31 8.98 -5.18
N ILE A 376 -11.00 8.78 -5.15
CA ILE A 376 -10.19 8.91 -6.36
C ILE A 376 -9.84 7.52 -6.82
N PRO A 377 -10.31 7.09 -7.99
CA PRO A 377 -10.12 5.70 -8.46
C PRO A 377 -8.75 5.47 -9.08
N SER A 378 -7.74 5.44 -8.21
CA SER A 378 -6.34 5.38 -8.66
C SER A 378 -6.12 4.27 -9.67
N TYR A 379 -6.61 3.06 -9.39
CA TYR A 379 -6.44 1.98 -10.35
C TYR A 379 -7.01 2.37 -11.71
N ALA A 380 -8.21 2.97 -11.71
CA ALA A 380 -8.87 3.31 -12.96
C ALA A 380 -8.09 4.34 -13.74
N LEU A 381 -7.63 5.38 -13.04
CA LEU A 381 -6.85 6.46 -13.65
C LEU A 381 -5.52 5.95 -14.19
N HIS A 382 -4.88 5.01 -13.49
CA HIS A 382 -3.58 4.50 -13.94
C HIS A 382 -3.69 3.69 -15.23
N ARG A 383 -4.89 3.18 -15.55
CA ARG A 383 -5.11 2.40 -16.77
C ARG A 383 -6.05 3.10 -17.76
N ASP A 384 -6.20 4.42 -17.65
CA ASP A 384 -7.07 5.19 -18.55
C ASP A 384 -6.33 5.50 -19.85
N PRO A 385 -6.93 5.23 -21.02
CA PRO A 385 -6.29 5.67 -22.29
C PRO A 385 -6.22 7.17 -22.49
N LYS A 386 -6.98 7.98 -21.75
CA LYS A 386 -6.89 9.43 -21.87
C LYS A 386 -5.49 9.94 -21.53
N TYR A 387 -4.73 9.20 -20.70
CA TYR A 387 -3.42 9.65 -20.26
C TYR A 387 -2.30 8.66 -20.53
N TRP A 388 -2.62 7.40 -20.81
CA TRP A 388 -1.62 6.36 -21.01
C TRP A 388 -1.84 5.70 -22.35
N THR A 389 -0.78 5.60 -23.14
CA THR A 389 -0.84 4.86 -24.39
C THR A 389 -0.58 3.38 -24.07
N GLU A 390 -1.39 2.50 -24.66
CA GLU A 390 -1.38 1.07 -24.36
C GLU A 390 -1.37 0.83 -22.85
N PRO A 391 -2.49 1.05 -22.16
CA PRO A 391 -2.45 1.04 -20.68
C PRO A 391 -2.15 -0.32 -20.10
N GLU A 392 -2.46 -1.39 -20.82
CA GLU A 392 -2.23 -2.70 -20.25
C GLU A 392 -0.80 -3.19 -20.40
N LYS A 393 0.05 -2.45 -21.14
CA LYS A 393 1.41 -2.89 -21.45
C LYS A 393 2.38 -2.43 -20.37
N PHE A 394 3.26 -3.32 -19.96
CA PHE A 394 4.35 -3.00 -19.03
C PHE A 394 5.46 -2.34 -19.85
N LEU A 395 5.58 -1.01 -19.72
CA LEU A 395 6.48 -0.19 -20.54
C LEU A 395 7.21 0.79 -19.64
N PRO A 396 8.33 0.38 -19.02
CA PRO A 396 9.04 1.28 -18.10
C PRO A 396 9.47 2.59 -18.73
N GLU A 397 9.55 2.69 -20.06
CA GLU A 397 10.08 3.92 -20.62
C GLU A 397 9.12 5.09 -20.48
N ARG A 398 7.86 4.85 -20.09
CA ARG A 398 6.97 5.95 -19.77
C ARG A 398 7.59 6.88 -18.75
N PHE A 399 8.38 6.33 -17.83
CA PHE A 399 8.93 7.06 -16.71
C PHE A 399 10.37 7.46 -16.91
N SER A 400 10.87 7.37 -18.15
CA SER A 400 12.20 7.89 -18.45
C SER A 400 12.24 9.40 -18.22
N LYS A 401 13.43 9.91 -17.98
CA LYS A 401 13.59 11.34 -17.71
C LYS A 401 13.05 12.21 -18.84
N LYS A 402 12.78 11.64 -20.01
CA LYS A 402 12.23 12.38 -21.13
C LYS A 402 10.71 12.47 -21.04
N ASN A 403 10.05 11.37 -20.72
CA ASN A 403 8.59 11.29 -20.69
C ASN A 403 8.00 11.48 -19.31
N LYS A 404 8.83 11.52 -18.27
CA LYS A 404 8.27 11.66 -16.92
C LYS A 404 7.58 13.01 -16.74
N ASP A 405 8.02 14.03 -17.46
CA ASP A 405 7.49 15.39 -17.32
C ASP A 405 6.03 15.50 -17.76
N ASN A 406 5.59 14.65 -18.67
CA ASN A 406 4.23 14.72 -19.16
C ASN A 406 3.23 13.98 -18.29
N ILE A 407 3.69 13.31 -17.21
CA ILE A 407 2.83 12.53 -16.33
C ILE A 407 2.24 13.42 -15.24
N ASP A 408 0.92 13.45 -15.16
CA ASP A 408 0.23 14.31 -14.20
C ASP A 408 0.24 13.69 -12.81
N PRO A 409 0.84 14.35 -11.80
CA PRO A 409 0.90 13.79 -10.43
C PRO A 409 -0.45 13.61 -9.75
N TYR A 410 -1.55 13.96 -10.39
CA TYR A 410 -2.85 13.70 -9.82
C TYR A 410 -3.63 12.66 -10.59
N ILE A 411 -3.07 12.17 -11.69
CA ILE A 411 -3.51 10.94 -12.34
C ILE A 411 -2.72 9.73 -11.84
N TYR A 412 -1.39 9.84 -11.82
CA TYR A 412 -0.50 8.84 -11.26
C TYR A 412 -0.37 9.10 -9.76
N THR A 413 -1.02 8.31 -8.91
CA THR A 413 -1.00 8.60 -7.46
C THR A 413 -0.81 7.33 -6.64
N PRO A 414 0.28 6.58 -6.86
CA PRO A 414 0.44 5.31 -6.13
C PRO A 414 0.58 5.48 -4.63
N PHE A 415 1.05 6.64 -4.17
CA PHE A 415 1.25 6.89 -2.75
C PHE A 415 0.34 8.02 -2.27
N GLY A 416 -0.70 8.34 -3.05
CA GLY A 416 -1.57 9.41 -2.65
C GLY A 416 -0.92 10.73 -2.97
N SER A 417 -1.45 11.78 -2.34
CA SER A 417 -0.90 13.11 -2.52
C SER A 417 -1.43 14.02 -1.41
N GLY A 418 -0.70 15.11 -1.17
CA GLY A 418 -1.11 16.11 -0.20
C GLY A 418 -0.72 15.73 1.21
N PRO A 419 -1.25 16.46 2.20
CA PRO A 419 -0.78 16.28 3.58
C PRO A 419 -1.02 14.88 4.16
N ARG A 420 -1.91 14.09 3.58
CA ARG A 420 -2.21 12.79 4.17
C ARG A 420 -1.71 11.65 3.27
N ASN A 421 -0.66 11.90 2.49
CA ASN A 421 -0.17 10.92 1.55
C ASN A 421 0.58 9.81 2.31
N CYS A 422 1.21 8.91 1.57
CA CYS A 422 1.91 7.81 2.23
C CYS A 422 3.16 8.34 2.94
N ILE A 423 3.14 8.33 4.28
CA ILE A 423 4.30 8.79 5.04
C ILE A 423 5.49 7.85 4.84
N GLY A 424 5.24 6.59 4.50
CA GLY A 424 6.33 5.65 4.34
C GLY A 424 6.88 5.54 2.93
N MET A 425 6.49 6.43 2.03
CA MET A 425 6.82 6.27 0.61
C MET A 425 8.32 6.09 0.40
N ARG A 426 9.13 7.00 0.98
CA ARG A 426 10.58 6.89 0.76
C ARG A 426 11.12 5.62 1.38
N PHE A 427 10.56 5.19 2.52
CA PHE A 427 11.05 3.97 3.17
C PHE A 427 10.66 2.73 2.35
N ALA A 428 9.43 2.69 1.86
CA ALA A 428 8.99 1.57 1.04
C ALA A 428 9.80 1.47 -0.24
N LEU A 429 10.10 2.60 -0.89
CA LEU A 429 10.86 2.58 -2.15
C LEU A 429 12.27 2.09 -1.91
N MET A 430 12.93 2.64 -0.89
CA MET A 430 14.27 2.17 -0.55
C MET A 430 14.27 0.69 -0.21
N ASN A 431 13.32 0.28 0.64
CA ASN A 431 13.27 -1.12 1.07
C ASN A 431 13.10 -2.06 -0.12
N MET A 432 12.21 -1.73 -1.05
CA MET A 432 11.96 -2.61 -2.20
C MET A 432 13.13 -2.63 -3.17
N LYS A 433 13.71 -1.46 -3.46
CA LYS A 433 14.85 -1.42 -4.38
C LYS A 433 16.03 -2.18 -3.80
N LEU A 434 16.24 -2.11 -2.47
CA LEU A 434 17.38 -2.81 -1.90
C LEU A 434 17.23 -4.31 -2.07
N ALA A 435 16.00 -4.82 -1.91
CA ALA A 435 15.74 -6.23 -2.20
C ALA A 435 15.99 -6.53 -3.68
N LEU A 436 15.49 -5.69 -4.59
CA LEU A 436 15.62 -5.97 -6.02
C LEU A 436 17.07 -6.02 -6.44
N ILE A 437 17.86 -5.03 -6.04
CA ILE A 437 19.29 -5.03 -6.38
C ILE A 437 19.91 -6.36 -6.00
N ARG A 438 19.89 -6.69 -4.71
CA ARG A 438 20.57 -7.89 -4.24
C ARG A 438 20.03 -9.16 -4.91
N VAL A 439 18.72 -9.25 -5.08
CA VAL A 439 18.17 -10.45 -5.73
C VAL A 439 18.56 -10.52 -7.19
N LEU A 440 18.72 -9.39 -7.88
CA LEU A 440 19.01 -9.42 -9.30
C LEU A 440 20.49 -9.54 -9.60
N GLN A 441 21.33 -9.10 -8.66
CA GLN A 441 22.76 -9.30 -8.73
C GLN A 441 23.12 -10.78 -8.76
N ASN A 442 22.31 -11.63 -8.12
CA ASN A 442 22.67 -13.05 -7.99
C ASN A 442 21.85 -14.01 -8.83
N PHE A 443 20.61 -13.66 -9.18
CA PHE A 443 19.72 -14.59 -9.85
C PHE A 443 19.06 -13.95 -11.06
N SER A 444 18.53 -14.83 -11.90
CA SER A 444 17.62 -14.49 -12.98
C SER A 444 16.29 -15.20 -12.76
N PHE A 445 15.22 -14.61 -13.28
CA PHE A 445 13.86 -15.08 -13.03
C PHE A 445 13.16 -15.37 -14.34
N LYS A 446 12.77 -16.63 -14.54
CA LYS A 446 12.12 -17.06 -15.76
C LYS A 446 10.74 -17.65 -15.46
N PRO A 447 9.78 -17.54 -16.39
CA PRO A 447 8.50 -18.21 -16.14
C PRO A 447 8.68 -19.71 -16.27
N CYS A 448 7.62 -20.46 -15.99
CA CYS A 448 7.65 -21.92 -16.07
C CYS A 448 6.21 -22.40 -16.27
N LYS A 449 6.01 -23.72 -16.15
CA LYS A 449 4.70 -24.28 -16.48
C LYS A 449 3.61 -23.95 -15.46
N GLU A 450 3.98 -23.52 -14.25
CA GLU A 450 2.99 -23.16 -13.26
C GLU A 450 2.68 -21.67 -13.21
N THR A 451 3.47 -20.83 -13.89
CA THR A 451 3.25 -19.39 -13.86
C THR A 451 1.93 -19.04 -14.54
N GLN A 452 1.09 -18.26 -13.85
CA GLN A 452 -0.16 -17.77 -14.43
C GLN A 452 0.16 -16.62 -15.39
N ILE A 453 0.10 -16.92 -16.69
CA ILE A 453 0.33 -15.96 -17.76
C ILE A 453 -0.91 -15.94 -18.66
N PRO A 454 -1.56 -14.79 -18.82
CA PRO A 454 -1.30 -13.51 -18.12
C PRO A 454 -1.76 -13.57 -16.68
N LEU A 455 -1.19 -12.72 -15.84
CA LEU A 455 -1.57 -12.68 -14.44
C LEU A 455 -2.99 -12.14 -14.34
N LYS A 456 -3.80 -12.76 -13.48
CA LYS A 456 -5.14 -12.30 -13.20
C LYS A 456 -5.16 -11.80 -11.77
N LEU A 457 -5.83 -10.69 -11.53
CA LEU A 457 -5.99 -10.21 -10.16
C LEU A 457 -7.13 -10.93 -9.46
N SER A 458 -7.00 -11.02 -8.15
CA SER A 458 -8.09 -11.52 -7.32
C SER A 458 -9.29 -10.58 -7.42
N LEU A 459 -10.47 -11.12 -7.09
CA LEU A 459 -11.71 -10.35 -7.14
C LEU A 459 -12.15 -9.87 -5.76
N GLY A 460 -11.39 -10.15 -4.72
CA GLY A 460 -11.68 -9.64 -3.40
C GLY A 460 -11.38 -8.16 -3.31
N GLY A 461 -11.11 -7.72 -2.08
CA GLY A 461 -10.87 -6.34 -1.71
C GLY A 461 -9.42 -5.93 -1.55
N LEU A 462 -8.48 -6.80 -1.94
CA LEU A 462 -7.04 -6.55 -1.88
C LEU A 462 -6.48 -6.68 -3.30
N LEU A 463 -5.51 -5.86 -3.64
CA LEU A 463 -4.83 -6.01 -4.93
C LEU A 463 -3.75 -7.06 -4.74
N GLN A 464 -4.01 -8.27 -5.24
CA GLN A 464 -3.07 -9.37 -5.13
C GLN A 464 -3.32 -10.30 -6.32
N PRO A 465 -2.34 -11.11 -6.69
CA PRO A 465 -2.59 -12.03 -7.81
C PRO A 465 -3.67 -13.04 -7.42
N GLU A 466 -4.41 -13.51 -8.43
CA GLU A 466 -5.45 -14.52 -8.18
C GLU A 466 -4.83 -15.84 -7.76
N LYS A 467 -3.86 -16.36 -8.55
CA LYS A 467 -2.93 -17.44 -8.25
C LYS A 467 -1.58 -16.85 -7.85
N PRO A 468 -0.88 -17.44 -6.87
CA PRO A 468 0.42 -16.89 -6.46
C PRO A 468 1.45 -16.99 -7.57
N VAL A 469 2.27 -15.95 -7.68
CA VAL A 469 3.32 -15.90 -8.70
C VAL A 469 4.36 -16.95 -8.36
N VAL A 470 4.67 -17.80 -9.33
CA VAL A 470 5.71 -18.81 -9.19
C VAL A 470 6.62 -18.69 -10.40
N LEU A 471 7.93 -18.72 -10.17
CA LEU A 471 8.90 -18.49 -11.25
C LEU A 471 10.10 -19.42 -11.06
N LYS A 472 10.84 -19.62 -12.14
CA LYS A 472 12.11 -20.33 -12.10
C LYS A 472 13.22 -19.34 -11.75
N VAL A 473 14.11 -19.74 -10.85
CA VAL A 473 15.18 -18.88 -10.36
C VAL A 473 16.52 -19.57 -10.61
N GLU A 474 17.34 -18.98 -11.47
CA GLU A 474 18.64 -19.49 -11.85
C GLU A 474 19.74 -18.62 -11.25
N SER A 475 20.80 -19.25 -10.76
CA SER A 475 21.96 -18.51 -10.27
C SER A 475 22.83 -18.01 -11.42
N ARG A 476 23.24 -16.75 -11.34
CA ARG A 476 24.10 -16.17 -12.37
C ARG A 476 25.57 -16.56 -12.23
CHA HEM B . -1.12 5.88 3.40
CHB HEM B . 0.61 3.59 -0.53
CHC HEM B . 4.00 1.35 2.11
CHD HEM B . 2.68 4.11 5.89
C1A HEM B . -0.95 5.42 2.10
C2A HEM B . -1.78 5.77 0.98
C3A HEM B . -1.30 5.14 -0.09
C4A HEM B . -0.16 4.37 0.31
CMA HEM B . -1.84 5.16 -1.52
CAA HEM B . -3.00 6.70 1.08
CBA HEM B . -2.50 8.13 0.91
CGA HEM B . -3.72 8.96 0.63
O1A HEM B . -3.57 9.91 -0.18
O2A HEM B . -4.80 8.61 1.20
C1B HEM B . 1.67 2.81 -0.16
C2B HEM B . 2.42 1.96 -1.06
C3B HEM B . 3.38 1.34 -0.34
C4B HEM B . 3.23 1.77 1.05
CMB HEM B . 2.12 1.91 -2.57
CAB HEM B . 4.46 0.35 -0.80
CBB HEM B . 4.61 -0.02 -2.09
C1C HEM B . 3.96 1.98 3.34
C2C HEM B . 4.96 1.77 4.37
C3C HEM B . 4.60 2.53 5.42
C4C HEM B . 3.37 3.24 5.07
CMC HEM B . 6.15 0.80 4.19
CAC HEM B . 5.27 2.70 6.80
CBC HEM B . 6.26 1.95 7.29
C1D HEM B . 1.52 4.79 5.58
C2D HEM B . 0.73 5.61 6.48
C3D HEM B . -0.31 6.10 5.79
C4D HEM B . -0.21 5.60 4.42
CMD HEM B . 0.97 5.91 7.96
CAD HEM B . -1.41 6.99 6.35
CBD HEM B . -0.94 8.43 6.38
CGD HEM B . -1.90 9.34 7.13
O1D HEM B . -1.52 10.49 7.42
O2D HEM B . -3.04 8.93 7.44
NA HEM B . 0.04 4.55 1.65
NB HEM B . 2.18 2.67 1.11
NC HEM B . 3.01 2.87 3.79
ND HEM B . 0.90 4.80 4.34
FE HEM B . 1.64 3.85 2.70
C01 X1C C . -11.55 -5.89 6.89
C02 X1C C . -12.54 -4.06 8.78
C03 X1C C . -10.83 -4.73 7.22
C04 X1C C . -12.76 -6.15 7.54
C05 X1C C . -13.25 -5.23 8.48
C06 X1C C . -11.31 -3.77 8.15
C08 X1C C . -10.54 -2.62 8.38
C09 X1C C . -8.94 -0.40 8.76
C11 X1C C . -10.92 -1.62 9.30
C12 X1C C . -10.12 -0.49 9.51
C13 X1C C . -8.59 -1.42 7.85
C15 X1C C . -8.38 -4.76 8.17
C16 X1C C . -7.09 -6.25 10.12
C17 X1C C . -7.94 -4.11 9.33
C18 X1C C . -8.11 -6.12 7.91
C19 X1C C . -7.49 -6.85 8.93
C20 X1C C . -7.33 -4.87 10.31
C21 X1C C . -8.54 -6.64 6.67
C22 X1C C . -9.39 -7.67 4.26
C24 X1C C . -8.36 -8.00 6.38
C25 X1C C . -8.78 -8.53 5.17
C26 X1C C . -9.55 -6.30 4.57
C27 X1C C . -10.96 -0.74 3.48
C28 X1C C . -11.06 -2.20 5.41
C29 X1C C . -9.22 -2.23 4.15
C30 X1C C . -9.70 -1.27 3.25
C31 X1C C . -11.65 -1.23 4.60
C32 X1C C . -8.05 -2.81 4.06
C33 X1C C . -5.75 -4.20 4.17
C35 X1C C . -7.10 -2.57 3.07
C36 X1C C . -5.92 -3.28 3.14
C37 X1C C . -6.77 -4.35 5.11
C38 X1C C . -4.43 -4.98 4.30
C39 X1C C . -7.40 -1.28 7.14
C40 X1C C . -6.57 -0.17 7.31
C41 X1C C . -6.91 0.84 8.22
C42 X1C C . -8.11 0.72 8.94
C43 X1C C . -10.17 -5.47 3.63
C44 X1C C . -10.62 -5.97 2.40
C45 X1C C . -10.44 -7.33 2.09
C46 X1C C . -9.82 -8.17 3.02
C48 X1C C . -2.84 -3.02 4.25
C49 X1C C . -1.85 -2.04 4.88
C50 X1C C . -2.24 -0.57 4.66
C51 X1C C . -1.28 0.46 4.07
C53 X1C C . -1.13 0.61 2.69
C54 X1C C . -0.24 1.58 2.21
C56 X1C C . 0.33 2.22 4.38
C57 X1C C . -0.54 1.29 4.93
N10 X1C C . -9.39 -2.48 7.68
N14 X1C C . -9.82 -2.69 5.23
N23 X1C C . -9.14 -5.83 5.76
N34 X1C C . -7.95 -3.69 5.04
N47 X1C C . -3.44 -4.14 4.98
N55 X1C C . 0.46 2.35 3.05
O52 X1C C . -3.13 -2.82 3.10
IR07 X1C C . -9.20 -4.06 6.49
#